data_5Z3J
#
_entry.id   5Z3J
#
_cell.length_a   41.660
_cell.length_b   74.080
_cell.length_c   82.480
_cell.angle_alpha   90.000
_cell.angle_beta   90.000
_cell.angle_gamma   90.000
#
_symmetry.space_group_name_H-M   'P 21 21 21'
#
loop_
_entity.id
_entity.type
_entity.pdbx_description
1 polymer 'Abrin A-chain'
2 non-polymer IMIDAZOLE
3 non-polymer NICOTINAMIDE
4 water water
#
_entity_poly.entity_id   1
_entity_poly.type   'polypeptide(L)'
_entity_poly.pdbx_seq_one_letter_code
;MRGSHHHHHHGMASEDRPIKFSTEGATSQSYKQFIEALRERLRGGLIHDIPVLPDPTTLQERNRYITVELSNSDTESIEV
GIDVTNAYVVAYRAGTQSHFLRDAPSSASDYLFTGTDQHSLPFYGTYGDLERWAHQSRQQIPLGLQALTHGISFFRSGGN
DNEEKARTLIVIIQMVAEAARFRYISNRVRVSIQTGTAFQPDAAMISLENNWDNLSRGVQESVQDTFPNQVTLTNIRNEP
VIVDSLSHPTVAVLALMLFVCNPPN
;
_entity_poly.pdbx_strand_id   A
#
# COMPACT_ATOMS: atom_id res chain seq x y z
N PRO A 18 -4.11 -4.82 16.18
CA PRO A 18 -3.94 -5.66 14.98
C PRO A 18 -5.14 -5.59 14.04
N ILE A 19 -5.00 -4.87 12.93
CA ILE A 19 -6.06 -4.75 11.93
C ILE A 19 -6.06 -6.01 11.07
N LYS A 20 -7.24 -6.55 10.79
CA LYS A 20 -7.37 -7.86 10.17
C LYS A 20 -8.16 -7.78 8.88
N PHE A 21 -7.78 -8.61 7.90
CA PHE A 21 -8.60 -8.87 6.74
C PHE A 21 -8.56 -10.35 6.43
N SER A 22 -9.74 -10.96 6.29
CA SER A 22 -9.86 -12.35 5.92
C SER A 22 -10.33 -12.46 4.48
N THR A 23 -9.79 -13.45 3.77
CA THR A 23 -10.24 -13.74 2.42
C THR A 23 -11.40 -14.72 2.39
N GLU A 24 -11.66 -15.41 3.49
CA GLU A 24 -12.72 -16.41 3.56
C GLU A 24 -14.08 -15.71 3.52
N GLY A 25 -14.82 -15.90 2.44
CA GLY A 25 -16.11 -15.25 2.29
C GLY A 25 -16.03 -13.73 2.29
N ALA A 26 -14.91 -13.18 1.81
CA ALA A 26 -14.76 -11.73 1.77
C ALA A 26 -15.79 -11.10 0.85
N THR A 27 -16.17 -9.87 1.18
CA THR A 27 -17.15 -9.12 0.41
C THR A 27 -16.59 -7.74 0.09
N SER A 28 -17.28 -7.03 -0.80
CA SER A 28 -16.92 -5.63 -1.03
C SER A 28 -16.94 -4.87 0.28
N GLN A 29 -17.87 -5.21 1.18
CA GLN A 29 -18.05 -4.47 2.41
C GLN A 29 -16.96 -4.78 3.43
N SER A 30 -16.62 -6.06 3.60
CA SER A 30 -15.59 -6.41 4.57
C SER A 30 -14.23 -5.86 4.16
N TYR A 31 -13.95 -5.84 2.85
CA TYR A 31 -12.71 -5.24 2.38
C TYR A 31 -12.72 -3.73 2.60
N LYS A 32 -13.82 -3.07 2.27
CA LYS A 32 -13.92 -1.63 2.48
C LYS A 32 -13.71 -1.27 3.94
N GLN A 33 -14.31 -2.03 4.85
CA GLN A 33 -14.15 -1.76 6.27
C GLN A 33 -12.70 -1.94 6.72
N PHE A 34 -12.01 -2.93 6.15
CA PHE A 34 -10.59 -3.13 6.44
C PHE A 34 -9.77 -1.91 6.01
N ILE A 35 -9.99 -1.44 4.78
CA ILE A 35 -9.24 -0.28 4.29
C ILE A 35 -9.59 0.95 5.12
N GLU A 36 -10.87 1.11 5.49
CA GLU A 36 -11.26 2.23 6.35
C GLU A 36 -10.54 2.20 7.68
N ALA A 37 -10.46 1.03 8.31
CA ALA A 37 -9.76 0.92 9.58
C ALA A 37 -8.28 1.23 9.41
N LEU A 38 -7.67 0.77 8.32
CA LEU A 38 -6.27 1.08 8.07
C LEU A 38 -6.06 2.59 7.87
N ARG A 39 -6.94 3.22 7.08
CA ARG A 39 -6.84 4.66 6.87
C ARG A 39 -6.98 5.43 8.19
N GLU A 40 -7.86 4.98 9.07
CA GLU A 40 -8.06 5.68 10.35
CA GLU A 40 -8.06 5.68 10.35
C GLU A 40 -6.80 5.59 11.20
N ARG A 41 -6.13 4.44 11.19
CA ARG A 41 -4.92 4.29 12.00
C ARG A 41 -3.75 5.05 11.41
N LEU A 42 -3.69 5.18 10.09
CA LEU A 42 -2.57 5.84 9.44
C LEU A 42 -2.67 7.36 9.50
N ARG A 43 -3.88 7.92 9.55
CA ARG A 43 -4.06 9.36 9.47
C ARG A 43 -3.31 10.08 10.59
N GLY A 44 -2.42 11.00 10.20
CA GLY A 44 -1.73 11.84 11.16
C GLY A 44 -2.38 13.21 11.30
N GLY A 45 -3.14 13.60 10.29
CA GLY A 45 -3.84 14.88 10.32
C GLY A 45 -4.48 15.17 8.97
N LEU A 46 -4.88 16.42 8.81
CA LEU A 46 -5.49 16.90 7.57
C LEU A 46 -4.71 18.13 7.08
N ILE A 47 -4.51 18.20 5.77
CA ILE A 47 -3.96 19.38 5.12
C ILE A 47 -4.86 19.68 3.93
N HIS A 48 -5.43 20.89 3.92
CA HIS A 48 -6.39 21.29 2.90
C HIS A 48 -7.54 20.29 2.81
N ASP A 49 -7.95 19.78 3.98
CA ASP A 49 -9.06 18.85 4.14
C ASP A 49 -8.75 17.45 3.62
N ILE A 50 -7.51 17.17 3.27
CA ILE A 50 -7.10 15.86 2.75
C ILE A 50 -6.25 15.18 3.82
N PRO A 51 -6.55 13.94 4.21
CA PRO A 51 -5.74 13.28 5.24
C PRO A 51 -4.28 13.14 4.81
N VAL A 52 -3.39 13.28 5.79
CA VAL A 52 -1.96 13.18 5.56
C VAL A 52 -1.35 12.30 6.63
N LEU A 53 -0.32 11.54 6.24
CA LEU A 53 0.40 10.71 7.17
C LEU A 53 1.20 11.57 8.16
N PRO A 54 1.65 10.98 9.27
CA PRO A 54 2.42 11.75 10.25
C PRO A 54 3.73 12.27 9.68
N ASP A 55 4.14 13.44 10.17
CA ASP A 55 5.48 13.97 9.92
C ASP A 55 6.51 13.06 10.57
N PRO A 56 7.39 12.40 9.82
CA PRO A 56 8.34 11.47 10.46
C PRO A 56 9.20 12.13 11.52
N THR A 57 9.48 13.42 11.39
CA THR A 57 10.45 14.06 12.27
C THR A 57 9.89 14.37 13.65
N THR A 58 8.57 14.40 13.81
CA THR A 58 7.95 14.60 15.12
C THR A 58 7.20 13.36 15.60
N LEU A 59 7.37 12.23 14.92
CA LEU A 59 6.71 10.99 15.27
C LEU A 59 7.59 10.18 16.23
N GLN A 60 6.98 9.67 17.31
CA GLN A 60 7.68 8.79 18.22
C GLN A 60 7.81 7.41 17.60
N GLU A 61 9.01 6.83 17.67
CA GLU A 61 9.25 5.55 17.02
C GLU A 61 8.28 4.48 17.51
N ARG A 62 7.92 4.52 18.80
CA ARG A 62 7.00 3.53 19.34
C ARG A 62 5.64 3.58 18.67
N ASN A 63 5.33 4.64 17.94
CA ASN A 63 4.06 4.78 17.23
C ASN A 63 4.20 4.61 15.72
N ARG A 64 5.38 4.21 15.24
CA ARG A 64 5.68 4.30 13.81
C ARG A 64 5.24 3.07 13.02
N TYR A 65 5.22 1.89 13.64
CA TYR A 65 5.01 0.65 12.91
C TYR A 65 3.74 -0.05 13.41
N ILE A 66 2.92 -0.50 12.47
CA ILE A 66 1.68 -1.20 12.77
C ILE A 66 1.68 -2.53 12.03
N THR A 67 0.83 -3.44 12.49
CA THR A 67 0.70 -4.75 11.89
C THR A 67 -0.70 -4.92 11.32
N VAL A 68 -0.79 -5.62 10.19
CA VAL A 68 -2.04 -6.02 9.59
C VAL A 68 -2.02 -7.53 9.44
N GLU A 69 -3.10 -8.19 9.83
CA GLU A 69 -3.22 -9.64 9.71
CA GLU A 69 -3.22 -9.64 9.71
C GLU A 69 -4.01 -9.97 8.46
N LEU A 70 -3.42 -10.76 7.56
CA LEU A 70 -4.07 -11.22 6.35
C LEU A 70 -4.24 -12.72 6.46
N SER A 71 -5.49 -13.18 6.51
CA SER A 71 -5.79 -14.58 6.78
C SER A 71 -6.65 -15.17 5.69
N ASN A 72 -6.42 -16.45 5.41
CA ASN A 72 -7.33 -17.26 4.60
C ASN A 72 -8.29 -18.09 5.44
N SER A 73 -7.94 -18.35 6.70
CA SER A 73 -8.78 -19.14 7.60
C SER A 73 -8.23 -18.95 9.00
N ASP A 74 -8.91 -19.55 9.98
CA ASP A 74 -8.44 -19.51 11.36
C ASP A 74 -7.07 -20.16 11.53
N THR A 75 -6.68 -21.03 10.60
CA THR A 75 -5.43 -21.77 10.72
C THR A 75 -4.35 -21.31 9.75
N GLU A 76 -4.65 -20.40 8.83
CA GLU A 76 -3.69 -19.96 7.82
C GLU A 76 -3.75 -18.44 7.73
N SER A 77 -2.74 -17.77 8.29
CA SER A 77 -2.68 -16.32 8.28
C SER A 77 -1.21 -15.87 8.34
N ILE A 78 -0.98 -14.66 7.83
CA ILE A 78 0.30 -13.97 7.95
C ILE A 78 0.03 -12.58 8.51
N GLU A 79 1.11 -11.87 8.81
CA GLU A 79 1.03 -10.47 9.18
C GLU A 79 1.99 -9.68 8.30
N VAL A 80 1.62 -8.43 8.00
CA VAL A 80 2.51 -7.51 7.32
C VAL A 80 2.77 -6.33 8.25
N GLY A 81 4.02 -5.89 8.30
CA GLY A 81 4.40 -4.71 9.06
C GLY A 81 4.45 -3.50 8.15
N ILE A 82 3.84 -2.41 8.61
CA ILE A 82 3.67 -1.21 7.80
C ILE A 82 4.27 -0.02 8.53
N ASP A 83 4.98 0.80 7.76
CA ASP A 83 5.58 2.04 8.24
C ASP A 83 4.54 3.15 8.07
N VAL A 84 4.09 3.74 9.18
CA VAL A 84 3.02 4.73 9.06
C VAL A 84 3.50 6.03 8.43
N THR A 85 4.80 6.26 8.37
CA THR A 85 5.31 7.50 7.75
C THR A 85 5.08 7.51 6.25
N ASN A 86 4.95 6.34 5.63
CA ASN A 86 4.78 6.31 4.18
C ASN A 86 3.87 5.16 3.75
N ALA A 87 3.25 4.44 4.68
CA ALA A 87 2.33 3.34 4.37
C ALA A 87 3.03 2.19 3.66
N TYR A 88 4.36 2.10 3.77
CA TYR A 88 5.10 1.05 3.12
C TYR A 88 5.01 -0.25 3.90
N VAL A 89 4.83 -1.35 3.18
CA VAL A 89 5.05 -2.68 3.74
C VAL A 89 6.56 -2.88 3.85
N VAL A 90 7.04 -3.02 5.07
CA VAL A 90 8.48 -3.17 5.32
C VAL A 90 8.86 -4.57 5.75
N ALA A 91 7.89 -5.44 6.04
CA ALA A 91 8.18 -6.77 6.55
C ALA A 91 6.91 -7.58 6.57
N TYR A 92 7.07 -8.89 6.62
CA TYR A 92 5.94 -9.79 6.84
C TYR A 92 6.39 -10.93 7.74
N ARG A 93 5.41 -11.57 8.36
CA ARG A 93 5.63 -12.61 9.35
C ARG A 93 4.77 -13.82 9.01
N ALA A 94 5.37 -15.00 9.14
CA ALA A 94 4.66 -16.28 9.06
C ALA A 94 5.14 -17.12 10.24
N GLY A 95 4.30 -17.24 11.26
CA GLY A 95 4.67 -18.03 12.42
C GLY A 95 5.81 -17.39 13.18
N THR A 96 6.84 -18.18 13.47
CA THR A 96 7.99 -17.73 14.25
C THR A 96 9.05 -17.04 13.41
N GLN A 97 8.82 -16.88 12.11
CA GLN A 97 9.81 -16.34 11.18
C GLN A 97 9.26 -15.08 10.52
N SER A 98 10.09 -14.03 10.47
CA SER A 98 9.71 -12.80 9.80
C SER A 98 10.77 -12.43 8.78
N HIS A 99 10.38 -11.59 7.82
CA HIS A 99 11.21 -11.23 6.68
C HIS A 99 11.05 -9.74 6.41
N PHE A 100 12.17 -9.04 6.34
CA PHE A 100 12.18 -7.59 6.20
C PHE A 100 12.75 -7.20 4.85
N LEU A 101 12.13 -6.21 4.21
CA LEU A 101 12.63 -5.74 2.93
C LEU A 101 14.06 -5.23 3.09
N ARG A 102 14.82 -5.31 2.00
CA ARG A 102 16.24 -5.00 2.09
C ARG A 102 16.47 -3.55 2.53
N ASP A 103 15.56 -2.64 2.16
CA ASP A 103 15.68 -1.23 2.51
C ASP A 103 14.72 -0.83 3.62
N ALA A 104 14.32 -1.78 4.46
CA ALA A 104 13.51 -1.45 5.61
C ALA A 104 14.25 -0.46 6.49
N PRO A 105 13.56 0.50 7.10
CA PRO A 105 14.23 1.38 8.06
C PRO A 105 14.88 0.55 9.16
N SER A 106 16.03 1.01 9.65
CA SER A 106 16.76 0.26 10.66
C SER A 106 15.91 0.01 11.90
N SER A 107 15.02 0.94 12.24
CA SER A 107 14.22 0.79 13.44
C SER A 107 13.06 -0.18 13.26
N ALA A 108 12.71 -0.54 12.02
CA ALA A 108 11.54 -1.39 11.81
C ALA A 108 11.66 -2.71 12.59
N SER A 109 12.84 -3.34 12.55
CA SER A 109 13.03 -4.62 13.22
C SER A 109 13.12 -4.49 14.74
N ASP A 110 13.19 -3.28 15.28
CA ASP A 110 13.11 -3.08 16.71
C ASP A 110 11.69 -3.08 17.25
N TYR A 111 10.68 -2.98 16.38
CA TYR A 111 9.31 -2.82 16.84
C TYR A 111 8.38 -3.86 16.22
N LEU A 112 8.73 -4.36 15.04
CA LEU A 112 7.91 -5.33 14.31
C LEU A 112 8.46 -6.74 14.51
N PHE A 113 7.59 -7.66 14.89
CA PHE A 113 7.91 -9.09 14.91
C PHE A 113 9.18 -9.36 15.73
N THR A 114 9.30 -8.68 16.87
CA THR A 114 10.49 -8.83 17.69
C THR A 114 10.57 -10.20 18.35
N GLY A 115 9.46 -10.93 18.42
CA GLY A 115 9.46 -12.25 19.01
C GLY A 115 9.62 -13.36 17.98
N THR A 116 10.17 -13.02 16.83
CA THR A 116 10.43 -13.98 15.76
C THR A 116 11.91 -14.00 15.41
N ASP A 117 12.29 -14.99 14.61
CA ASP A 117 13.58 -14.95 13.93
C ASP A 117 13.42 -14.05 12.71
N GLN A 118 14.10 -12.91 12.73
CA GLN A 118 14.00 -11.94 11.66
C GLN A 118 15.06 -12.19 10.59
N HIS A 119 14.64 -12.08 9.33
CA HIS A 119 15.51 -12.31 8.18
C HIS A 119 15.41 -11.11 7.24
N SER A 120 16.49 -10.85 6.52
CA SER A 120 16.52 -9.79 5.52
C SER A 120 16.27 -10.39 4.14
N LEU A 121 15.29 -9.83 3.44
CA LEU A 121 15.00 -10.24 2.08
C LEU A 121 16.07 -9.70 1.13
N PRO A 122 16.30 -10.37 -0.01
CA PRO A 122 17.37 -9.94 -0.91
C PRO A 122 17.02 -8.76 -1.80
N PHE A 123 15.77 -8.29 -1.79
CA PHE A 123 15.34 -7.24 -2.68
C PHE A 123 14.80 -6.04 -1.90
N TYR A 124 14.92 -4.87 -2.51
CA TYR A 124 14.35 -3.65 -1.97
C TYR A 124 12.84 -3.65 -2.14
N GLY A 125 12.18 -2.89 -1.28
CA GLY A 125 10.73 -2.81 -1.30
C GLY A 125 10.14 -1.93 -2.39
N THR A 126 10.94 -1.50 -3.35
CA THR A 126 10.45 -0.64 -4.41
C THR A 126 9.83 -1.48 -5.54
N TYR A 127 8.91 -0.86 -6.28
CA TYR A 127 8.39 -1.52 -7.46
C TYR A 127 9.51 -1.87 -8.43
N GLY A 128 10.50 -0.98 -8.56
CA GLY A 128 11.61 -1.24 -9.47
C GLY A 128 12.28 -2.57 -9.18
N ASP A 129 12.66 -2.79 -7.92
CA ASP A 129 13.36 -4.03 -7.58
C ASP A 129 12.38 -5.21 -7.50
N LEU A 130 11.19 -5.01 -6.94
CA LEU A 130 10.22 -6.09 -6.87
C LEU A 130 9.86 -6.58 -8.27
N GLU A 131 9.61 -5.66 -9.19
CA GLU A 131 9.31 -6.06 -10.56
C GLU A 131 10.50 -6.77 -11.20
N ARG A 132 11.72 -6.31 -10.91
CA ARG A 132 12.91 -6.98 -11.42
C ARG A 132 12.97 -8.42 -10.92
N TRP A 133 12.73 -8.62 -9.62
CA TRP A 133 12.81 -9.96 -9.04
C TRP A 133 11.64 -10.83 -9.46
N ALA A 134 10.46 -10.24 -9.67
CA ALA A 134 9.30 -11.01 -10.10
C ALA A 134 9.36 -11.34 -11.59
N HIS A 135 10.24 -10.70 -12.35
CA HIS A 135 10.26 -10.82 -13.81
C HIS A 135 8.90 -10.47 -14.40
N GLN A 136 8.17 -9.59 -13.73
CA GLN A 136 6.89 -9.11 -14.21
C GLN A 136 6.69 -7.68 -13.74
N SER A 137 6.01 -6.89 -14.56
CA SER A 137 5.60 -5.55 -14.17
C SER A 137 4.28 -5.64 -13.42
N ARG A 138 3.99 -4.57 -12.67
CA ARG A 138 2.67 -4.46 -12.04
C ARG A 138 1.56 -4.69 -13.06
N GLN A 139 1.72 -4.16 -14.28
CA GLN A 139 0.69 -4.29 -15.30
C GLN A 139 0.44 -5.74 -15.66
N GLN A 140 1.38 -6.64 -15.39
CA GLN A 140 1.26 -8.04 -15.78
C GLN A 140 0.80 -8.94 -14.65
N ILE A 141 0.75 -8.44 -13.42
CA ILE A 141 0.49 -9.27 -12.23
C ILE A 141 -0.98 -9.11 -11.85
N PRO A 142 -1.78 -10.17 -11.86
CA PRO A 142 -3.20 -10.03 -11.52
C PRO A 142 -3.41 -9.72 -10.04
N LEU A 143 -4.45 -8.91 -9.79
CA LEU A 143 -4.88 -8.54 -8.45
C LEU A 143 -6.29 -9.06 -8.20
N GLY A 144 -6.65 -9.14 -6.93
CA GLY A 144 -7.96 -9.64 -6.55
C GLY A 144 -7.90 -10.62 -5.40
N LEU A 145 -9.06 -11.15 -5.01
CA LEU A 145 -9.13 -11.98 -3.82
C LEU A 145 -8.31 -13.25 -3.99
N GLN A 146 -8.35 -13.86 -5.18
CA GLN A 146 -7.62 -15.11 -5.38
C GLN A 146 -6.12 -14.89 -5.37
N ALA A 147 -5.65 -13.79 -5.97
CA ALA A 147 -4.21 -13.50 -5.93
C ALA A 147 -3.74 -13.28 -4.51
N LEU A 148 -4.53 -12.55 -3.71
CA LEU A 148 -4.18 -12.34 -2.30
C LEU A 148 -4.21 -13.65 -1.53
N THR A 149 -5.26 -14.45 -1.74
CA THR A 149 -5.36 -15.76 -1.10
C THR A 149 -4.14 -16.62 -1.44
N HIS A 150 -3.78 -16.68 -2.72
CA HIS A 150 -2.60 -17.43 -3.14
C HIS A 150 -1.34 -16.92 -2.43
N GLY A 151 -1.18 -15.60 -2.35
CA GLY A 151 -0.01 -15.03 -1.72
C GLY A 151 0.07 -15.31 -0.23
N ILE A 152 -1.07 -15.23 0.46
CA ILE A 152 -1.09 -15.55 1.88
C ILE A 152 -0.61 -16.99 2.11
N SER A 153 -1.13 -17.93 1.30
CA SER A 153 -0.72 -19.32 1.44
C SER A 153 0.77 -19.49 1.16
N PHE A 154 1.27 -18.78 0.14
CA PHE A 154 2.68 -18.93 -0.23
C PHE A 154 3.60 -18.44 0.89
N PHE A 155 3.30 -17.28 1.47
CA PHE A 155 4.14 -16.77 2.55
C PHE A 155 4.04 -17.66 3.79
N ARG A 156 2.84 -18.14 4.11
CA ARG A 156 2.71 -19.01 5.27
C ARG A 156 3.44 -20.33 5.06
N SER A 157 3.50 -20.80 3.81
CA SER A 157 4.21 -22.04 3.52
C SER A 157 5.71 -21.90 3.69
N GLY A 158 6.24 -20.69 3.61
CA GLY A 158 7.66 -20.48 3.75
C GLY A 158 8.50 -20.84 2.55
N GLY A 159 7.88 -21.03 1.38
CA GLY A 159 8.63 -21.32 0.18
C GLY A 159 9.68 -20.26 -0.09
N ASN A 160 10.85 -20.67 -0.58
CA ASN A 160 11.98 -19.78 -0.74
C ASN A 160 12.08 -19.18 -2.14
N ASP A 161 11.10 -19.40 -3.00
CA ASP A 161 11.11 -18.83 -4.35
C ASP A 161 11.07 -17.30 -4.27
N ASN A 162 12.21 -16.65 -4.48
CA ASN A 162 12.25 -15.19 -4.36
C ASN A 162 11.44 -14.50 -5.44
N GLU A 163 11.34 -15.09 -6.63
CA GLU A 163 10.50 -14.50 -7.67
C GLU A 163 9.06 -14.41 -7.19
N GLU A 164 8.52 -15.48 -6.62
CA GLU A 164 7.15 -15.45 -6.12
C GLU A 164 7.03 -14.59 -4.87
N LYS A 165 8.07 -14.52 -4.04
CA LYS A 165 8.05 -13.59 -2.91
C LYS A 165 7.84 -12.16 -3.42
N ALA A 166 8.56 -11.78 -4.47
CA ALA A 166 8.44 -10.41 -5.00
C ALA A 166 7.07 -10.18 -5.60
N ARG A 167 6.60 -11.12 -6.42
CA ARG A 167 5.26 -11.01 -6.99
C ARG A 167 4.20 -10.90 -5.90
N THR A 168 4.33 -11.71 -4.85
CA THR A 168 3.34 -11.68 -3.78
C THR A 168 3.33 -10.33 -3.08
N LEU A 169 4.50 -9.73 -2.87
CA LEU A 169 4.53 -8.41 -2.25
C LEU A 169 3.91 -7.36 -3.15
N ILE A 170 4.14 -7.46 -4.46
CA ILE A 170 3.52 -6.53 -5.39
C ILE A 170 2.00 -6.58 -5.25
N VAL A 171 1.43 -7.78 -5.09
CA VAL A 171 0.00 -7.91 -4.89
C VAL A 171 -0.44 -7.25 -3.57
N ILE A 172 0.21 -7.65 -2.47
CA ILE A 172 -0.19 -7.16 -1.15
C ILE A 172 -0.05 -5.64 -1.08
N ILE A 173 1.09 -5.12 -1.55
CA ILE A 173 1.33 -3.69 -1.50
C ILE A 173 0.20 -2.92 -2.16
N GLN A 174 -0.24 -3.38 -3.33
CA GLN A 174 -1.27 -2.62 -4.05
C GLN A 174 -2.64 -2.79 -3.43
N MET A 175 -2.97 -3.99 -2.94
CA MET A 175 -4.28 -4.22 -2.36
C MET A 175 -4.40 -3.68 -0.94
N VAL A 176 -3.28 -3.30 -0.32
CA VAL A 176 -3.29 -2.80 1.05
C VAL A 176 -2.84 -1.34 1.07
N ALA A 177 -1.56 -1.11 0.73
CA ALA A 177 -1.00 0.24 0.85
C ALA A 177 -1.58 1.19 -0.20
N GLU A 178 -1.52 0.81 -1.48
CA GLU A 178 -2.02 1.69 -2.52
C GLU A 178 -3.53 1.91 -2.37
N ALA A 179 -4.26 0.87 -1.98
CA ALA A 179 -5.69 1.00 -1.73
C ALA A 179 -5.95 1.98 -0.59
N ALA A 180 -5.12 1.96 0.44
CA ALA A 180 -5.27 2.92 1.53
C ALA A 180 -5.04 4.34 1.02
N ARG A 181 -4.09 4.52 0.10
CA ARG A 181 -3.75 5.86 -0.36
C ARG A 181 -4.81 6.44 -1.30
N PHE A 182 -5.37 5.61 -2.18
CA PHE A 182 -6.15 6.07 -3.32
C PHE A 182 -7.54 5.45 -3.30
N ARG A 183 -8.56 6.31 -3.24
CA ARG A 183 -9.94 5.85 -3.31
C ARG A 183 -10.20 5.09 -4.60
N TYR A 184 -9.58 5.52 -5.70
CA TYR A 184 -9.74 4.82 -6.97
C TYR A 184 -9.32 3.36 -6.86
N ILE A 185 -8.21 3.11 -6.17
CA ILE A 185 -7.67 1.76 -6.09
C ILE A 185 -8.46 0.91 -5.11
N SER A 186 -8.82 1.47 -3.94
CA SER A 186 -9.62 0.70 -3.00
C SER A 186 -10.95 0.32 -3.62
N ASN A 187 -11.54 1.22 -4.41
CA ASN A 187 -12.82 0.90 -5.04
C ASN A 187 -12.65 -0.17 -6.11
N ARG A 188 -11.57 -0.09 -6.90
CA ARG A 188 -11.35 -1.10 -7.93
C ARG A 188 -11.22 -2.50 -7.31
N VAL A 189 -10.49 -2.60 -6.20
CA VAL A 189 -10.37 -3.90 -5.52
C VAL A 189 -11.71 -4.32 -4.95
N ARG A 190 -12.47 -3.36 -4.41
CA ARG A 190 -13.83 -3.66 -3.98
C ARG A 190 -14.62 -4.31 -5.10
N VAL A 191 -14.58 -3.70 -6.29
CA VAL A 191 -15.34 -4.22 -7.43
C VAL A 191 -14.88 -5.64 -7.75
N SER A 192 -13.57 -5.88 -7.67
CA SER A 192 -13.04 -7.21 -7.96
C SER A 192 -13.63 -8.25 -7.02
N ILE A 193 -13.68 -7.94 -5.73
CA ILE A 193 -14.21 -8.90 -4.76
C ILE A 193 -15.71 -9.06 -4.95
N GLN A 194 -16.43 -7.97 -5.21
CA GLN A 194 -17.87 -8.05 -5.42
C GLN A 194 -18.20 -8.93 -6.61
N THR A 195 -17.42 -8.81 -7.70
CA THR A 195 -17.69 -9.55 -8.93
C THR A 195 -16.89 -10.82 -9.05
N GLY A 196 -16.00 -11.11 -8.10
CA GLY A 196 -15.14 -12.28 -8.20
C GLY A 196 -14.36 -12.33 -9.49
N THR A 197 -13.86 -11.19 -9.95
CA THR A 197 -13.16 -11.07 -11.22
C THR A 197 -11.83 -10.38 -10.98
N ALA A 198 -10.74 -11.13 -11.11
CA ALA A 198 -9.41 -10.54 -10.98
C ALA A 198 -9.22 -9.45 -12.03
N PHE A 199 -8.20 -8.62 -11.81
CA PHE A 199 -7.91 -7.53 -12.73
C PHE A 199 -6.43 -7.20 -12.68
N GLN A 200 -5.95 -6.60 -13.77
CA GLN A 200 -4.62 -6.03 -13.80
C GLN A 200 -4.69 -4.51 -13.71
N PRO A 201 -3.78 -3.88 -12.98
CA PRO A 201 -3.86 -2.42 -12.79
C PRO A 201 -3.84 -1.68 -14.12
N ASP A 202 -4.82 -0.79 -14.28
CA ASP A 202 -4.96 0.05 -15.49
C ASP A 202 -3.93 1.18 -15.44
N ALA A 203 -3.78 1.93 -16.53
CA ALA A 203 -2.78 3.02 -16.66
C ALA A 203 -3.09 4.14 -15.66
N ALA A 204 -4.35 4.27 -15.25
CA ALA A 204 -4.80 5.30 -14.29
C ALA A 204 -4.28 4.92 -12.90
N MET A 205 -4.56 3.68 -12.52
CA MET A 205 -4.11 3.07 -11.24
C MET A 205 -2.58 3.14 -11.17
N ILE A 206 -1.88 2.74 -12.24
CA ILE A 206 -0.41 2.76 -12.26
C ILE A 206 0.10 4.18 -12.10
N SER A 207 -0.50 5.13 -12.82
CA SER A 207 -0.05 6.52 -12.77
CA SER A 207 -0.06 6.52 -12.77
C SER A 207 -0.19 7.09 -11.36
N LEU A 208 -1.31 6.80 -10.69
CA LEU A 208 -1.49 7.24 -9.31
C LEU A 208 -0.39 6.70 -8.42
N GLU A 209 -0.12 5.40 -8.51
CA GLU A 209 0.95 4.80 -7.73
C GLU A 209 2.27 5.52 -7.99
N ASN A 210 2.54 5.87 -9.24
CA ASN A 210 3.81 6.48 -9.61
C ASN A 210 3.91 7.95 -9.22
N ASN A 211 2.81 8.58 -8.82
CA ASN A 211 2.78 10.01 -8.57
C ASN A 211 2.20 10.34 -7.19
N TRP A 212 2.22 9.39 -6.26
CA TRP A 212 1.67 9.65 -4.93
C TRP A 212 2.41 10.78 -4.24
N ASP A 213 3.74 10.74 -4.25
CA ASP A 213 4.50 11.80 -3.59
C ASP A 213 4.40 13.11 -4.34
N ASN A 214 4.24 13.04 -5.66
CA ASN A 214 4.09 14.23 -6.52
C ASN A 214 2.78 14.94 -6.13
N LEU A 215 1.68 14.19 -6.06
CA LEU A 215 0.38 14.75 -5.72
C LEU A 215 0.39 15.30 -4.30
N SER A 216 0.92 14.53 -3.35
CA SER A 216 1.01 15.00 -1.97
C SER A 216 1.75 16.33 -1.91
N ARG A 217 2.91 16.41 -2.58
CA ARG A 217 3.69 17.64 -2.57
C ARG A 217 2.92 18.79 -3.19
N GLY A 218 2.27 18.55 -4.33
CA GLY A 218 1.48 19.60 -4.96
C GLY A 218 0.44 20.17 -4.01
N VAL A 219 -0.32 19.28 -3.36
CA VAL A 219 -1.36 19.73 -2.43
C VAL A 219 -0.76 20.59 -1.33
N GLN A 220 0.31 20.08 -0.69
CA GLN A 220 0.79 20.69 0.54
C GLN A 220 1.64 21.94 0.29
N GLU A 221 2.27 22.02 -0.87
CA GLU A 221 3.07 23.20 -1.24
C GLU A 221 2.19 24.18 -2.02
N SER A 222 0.89 23.92 -2.18
CA SER A 222 0.03 24.75 -3.01
C SER A 222 -0.10 26.16 -2.44
N VAL A 223 -0.31 27.12 -3.33
CA VAL A 223 -0.53 28.55 -2.99
C VAL A 223 -1.69 29.01 -3.87
N GLN A 224 -2.82 29.46 -3.30
CA GLN A 224 -4.08 29.89 -3.99
C GLN A 224 -4.66 28.70 -4.77
N ASP A 225 -4.53 27.49 -4.20
CA ASP A 225 -5.02 26.21 -4.76
C ASP A 225 -4.20 25.76 -5.98
N THR A 226 -3.00 26.31 -6.18
CA THR A 226 -2.14 26.04 -7.37
C THR A 226 -0.88 25.31 -6.92
N PHE A 227 -0.55 24.16 -7.49
CA PHE A 227 0.67 23.40 -7.15
C PHE A 227 1.89 24.14 -7.64
N PRO A 228 2.94 24.34 -6.80
CA PRO A 228 4.16 24.99 -7.23
C PRO A 228 4.57 24.37 -8.56
N ASN A 229 4.55 23.05 -8.65
CA ASN A 229 4.94 22.31 -9.88
C ASN A 229 3.76 21.46 -10.34
N GLN A 230 3.50 21.39 -11.65
CA GLN A 230 2.39 20.60 -12.23
C GLN A 230 2.73 19.12 -12.12
N VAL A 231 1.75 18.28 -11.80
CA VAL A 231 1.91 16.80 -11.72
C VAL A 231 1.21 16.28 -12.96
N THR A 232 1.81 15.37 -13.72
CA THR A 232 1.19 14.85 -14.96
C THR A 232 0.75 13.41 -14.74
N LEU A 233 -0.55 13.14 -14.64
CA LEU A 233 -1.09 11.77 -14.45
C LEU A 233 -1.44 11.21 -15.84
N THR A 234 -1.81 9.94 -15.87
CA THR A 234 -2.23 9.23 -17.07
C THR A 234 -3.62 8.69 -16.74
N ASN A 235 -4.62 8.91 -17.59
CA ASN A 235 -6.00 8.42 -17.35
C ASN A 235 -6.15 7.01 -17.95
N ILE A 236 -7.33 6.39 -17.84
CA ILE A 236 -7.65 5.02 -18.33
C ILE A 236 -7.22 4.79 -19.80
N ARG A 237 -7.29 5.78 -20.69
CA ARG A 237 -6.98 5.64 -22.13
C ARG A 237 -5.58 6.12 -22.52
N ASN A 238 -4.60 6.12 -21.61
CA ASN A 238 -3.16 6.43 -21.81
C ASN A 238 -2.92 7.92 -22.15
N GLU A 239 -3.88 8.80 -21.89
CA GLU A 239 -3.79 10.24 -22.23
C GLU A 239 -3.24 11.01 -21.03
N PRO A 240 -2.35 12.01 -21.22
CA PRO A 240 -1.83 12.74 -20.09
C PRO A 240 -2.95 13.65 -19.55
N VAL A 241 -2.99 13.86 -18.23
CA VAL A 241 -3.99 14.72 -17.54
C VAL A 241 -3.18 15.65 -16.65
N ILE A 242 -3.10 16.94 -16.94
CA ILE A 242 -2.28 17.89 -16.13
C ILE A 242 -3.05 18.16 -14.83
N VAL A 243 -2.37 18.05 -13.69
CA VAL A 243 -2.95 18.33 -12.35
C VAL A 243 -2.08 19.42 -11.70
N ASP A 244 -2.61 20.63 -11.47
CA ASP A 244 -1.83 21.72 -10.84
C ASP A 244 -2.64 22.47 -9.77
N SER A 245 -3.79 21.97 -9.36
CA SER A 245 -4.64 22.66 -8.34
C SER A 245 -5.43 21.69 -7.47
N LEU A 246 -5.86 22.16 -6.30
CA LEU A 246 -6.67 21.39 -5.31
C LEU A 246 -8.05 21.08 -5.88
N SER A 247 -8.59 21.92 -6.75
CA SER A 247 -9.95 21.76 -7.32
C SER A 247 -10.00 20.68 -8.39
N HIS A 248 -8.87 20.30 -8.98
CA HIS A 248 -8.77 19.27 -10.04
C HIS A 248 -9.55 18.02 -9.59
N PRO A 249 -10.54 17.52 -10.37
CA PRO A 249 -11.29 16.31 -10.00
C PRO A 249 -10.47 15.12 -9.48
N THR A 250 -9.34 14.80 -10.12
CA THR A 250 -8.49 13.65 -9.76
C THR A 250 -7.96 13.81 -8.33
N VAL A 251 -7.89 15.03 -7.80
CA VAL A 251 -7.39 15.31 -6.42
C VAL A 251 -8.30 14.63 -5.38
N ALA A 252 -9.59 14.45 -5.66
CA ALA A 252 -10.60 13.78 -4.81
C ALA A 252 -10.21 12.33 -4.52
N VAL A 253 -9.49 11.64 -5.43
CA VAL A 253 -9.07 10.22 -5.28
C VAL A 253 -7.98 10.07 -4.22
N LEU A 254 -7.29 11.14 -3.80
CA LEU A 254 -6.27 11.08 -2.73
C LEU A 254 -6.96 10.85 -1.39
N ALA A 255 -6.79 9.67 -0.78
CA ALA A 255 -7.31 9.38 0.54
C ALA A 255 -6.29 9.64 1.65
N LEU A 256 -5.02 9.35 1.39
CA LEU A 256 -3.94 9.61 2.34
C LEU A 256 -2.75 10.16 1.57
N MET A 257 -2.21 11.26 2.05
CA MET A 257 -1.03 11.87 1.45
C MET A 257 0.22 11.52 2.24
N LEU A 258 1.33 11.43 1.51
CA LEU A 258 2.64 11.46 2.14
C LEU A 258 2.87 12.85 2.73
N PHE A 259 3.42 12.90 3.94
CA PHE A 259 3.77 14.21 4.48
C PHE A 259 4.95 14.78 3.71
N VAL A 260 4.79 16.02 3.26
CA VAL A 260 5.85 16.75 2.57
C VAL A 260 6.20 18.03 3.31
N CYS A 261 5.21 18.83 3.68
CA CYS A 261 5.42 20.08 4.38
C CYS A 261 4.08 20.59 4.89
N ASN A 262 4.15 21.38 5.95
CA ASN A 262 2.95 22.07 6.39
C ASN A 262 2.73 23.32 5.55
N PRO A 263 1.48 23.79 5.41
CA PRO A 263 1.17 24.99 4.63
C PRO A 263 2.13 26.15 4.85
#